data_3LM9
#
_entry.id   3LM9
#
_cell.length_a   112.333
_cell.length_b   112.333
_cell.length_c   73.958
_cell.angle_alpha   90.00
_cell.angle_beta   90.00
_cell.angle_gamma   120.00
#
_symmetry.space_group_name_H-M   'P 31 2 1'
#
loop_
_entity.id
_entity.type
_entity.pdbx_description
1 polymer fructokinase
2 non-polymer beta-D-fructofuranose
3 non-polymer 'SULFATE ION'
4 non-polymer "ADENOSINE-5'-DIPHOSPHATE"
5 non-polymer 'ZINC ION'
6 water water
#
_entity_poly.entity_id   1
_entity_poly.type   'polypeptide(L)'
_entity_poly.pdbx_seq_one_letter_code
;SNA(MSE)LGGIEAGGTKFVCAVGREDGTIIDRIEFPTK(MSE)PDETIEKVIQYFSQFSLQAIGIGSFGPVDNDKTSQT
YGTITATPKAGWRHYPFLQTVKNE(MSE)KIPVGFSTDVNAAALGEFLFGEAKGLDSCLYITIGTGIGAGAIVEGRLLQG
LSHPE(MSE)GHIYIRRHPDDVYQGKCPYHGDCFEGLASGPAIEARWGKKAADLSDIAQVWELEGYYIAQALAQYILILA
P(MLY)(MLY)IILGGGV(MSE)QQKQVFSYIYQYVPKI(MSE)NSYLDFSELSDDISDYIVPPRLGSNAGIIGTLVLAH
QALQAEAASGEVRS
;
_entity_poly.pdbx_strand_id   A
#
loop_
_chem_comp.id
_chem_comp.type
_chem_comp.name
_chem_comp.formula
ADP non-polymer ADENOSINE-5'-DIPHOSPHATE 'C10 H15 N5 O10 P2'
FRU D-saccharide, beta linking beta-D-fructofuranose 'C6 H12 O6'
SO4 non-polymer 'SULFATE ION' 'O4 S -2'
ZN non-polymer 'ZINC ION' 'Zn 2'
#
# COMPACT_ATOMS: atom_id res chain seq x y z
N ALA A 3 10.64 -6.15 24.73
CA ALA A 3 10.82 -5.14 23.59
C ALA A 3 9.59 -5.20 22.56
N MSE A 4 8.37 -4.92 23.01
CA MSE A 4 7.17 -5.17 22.20
C MSE A 4 6.65 -3.89 21.61
O MSE A 4 6.66 -2.83 22.25
CB MSE A 4 6.05 -5.82 23.00
CG MSE A 4 6.40 -7.24 23.50
SE MSE A 4 4.86 -8.28 23.86
CE MSE A 4 3.79 -6.93 24.34
N LEU A 5 6.14 -4.05 20.38
CA LEU A 5 5.72 -2.98 19.57
C LEU A 5 4.31 -3.25 19.06
N GLY A 6 3.57 -2.16 18.88
CA GLY A 6 2.25 -2.22 18.32
C GLY A 6 2.14 -1.68 16.92
N GLY A 7 1.25 -2.26 16.12
CA GLY A 7 0.93 -1.73 14.79
C GLY A 7 -0.59 -1.66 14.55
N ILE A 8 -1.01 -0.67 13.78
CA ILE A 8 -2.36 -0.49 13.34
C ILE A 8 -2.34 -0.32 11.81
N GLU A 9 -2.94 -1.21 11.05
CA GLU A 9 -3.11 -0.97 9.65
C GLU A 9 -4.59 -0.53 9.51
N ALA A 10 -4.80 0.78 9.34
CA ALA A 10 -6.12 1.39 9.20
C ALA A 10 -6.61 1.29 7.79
N GLY A 11 -7.64 0.52 7.57
CA GLY A 11 -8.19 0.35 6.22
C GLY A 11 -9.56 0.98 6.22
N GLY A 12 -10.10 1.19 5.04
CA GLY A 12 -11.45 1.71 4.93
C GLY A 12 -12.52 0.73 5.31
N THR A 13 -12.25 -0.58 5.22
CA THR A 13 -13.23 -1.62 5.60
C THR A 13 -12.91 -2.20 6.94
N LYS A 14 -11.61 -2.43 7.23
CA LYS A 14 -11.21 -2.98 8.50
C LYS A 14 -9.94 -2.37 9.07
N PHE A 15 -9.81 -2.44 10.40
CA PHE A 15 -8.57 -2.20 11.10
C PHE A 15 -7.96 -3.53 11.48
N VAL A 16 -6.66 -3.65 11.38
CA VAL A 16 -5.93 -4.78 11.88
C VAL A 16 -4.97 -4.14 12.86
N CYS A 17 -5.00 -4.58 14.13
CA CYS A 17 -3.98 -4.24 15.08
C CYS A 17 -3.16 -5.46 15.39
N ALA A 18 -1.91 -5.23 15.76
CA ALA A 18 -1.02 -6.31 16.05
C ALA A 18 -0.02 -5.86 17.04
N VAL A 19 0.58 -6.85 17.72
CA VAL A 19 1.70 -6.67 18.59
C VAL A 19 2.87 -7.54 18.08
N GLY A 20 4.09 -7.04 18.13
CA GLY A 20 5.19 -7.81 17.53
C GLY A 20 6.52 -7.24 17.94
N ARG A 21 7.58 -7.73 17.30
CA ARG A 21 8.95 -7.32 17.57
C ARG A 21 9.57 -6.68 16.34
N GLU A 22 10.71 -6.01 16.55
CA GLU A 22 11.38 -5.24 15.51
C GLU A 22 11.99 -6.10 14.41
N ASP A 23 12.18 -7.40 14.63
CA ASP A 23 12.58 -8.32 13.55
C ASP A 23 11.38 -8.73 12.70
N GLY A 24 10.18 -8.23 13.02
CA GLY A 24 9.01 -8.44 12.20
C GLY A 24 8.07 -9.56 12.57
N THR A 25 8.39 -10.35 13.57
CA THR A 25 7.53 -11.40 14.06
C THR A 25 6.27 -10.80 14.59
N ILE A 26 5.16 -11.41 14.27
CA ILE A 26 3.86 -11.07 14.85
C ILE A 26 3.60 -11.95 16.05
N ILE A 27 3.33 -11.31 17.18
CA ILE A 27 3.06 -12.02 18.43
C ILE A 27 1.57 -12.30 18.53
N ASP A 28 0.76 -11.32 18.14
CA ASP A 28 -0.69 -11.39 18.28
C ASP A 28 -1.36 -10.41 17.33
N ARG A 29 -2.59 -10.71 16.96
CA ARG A 29 -3.31 -9.77 16.16
C ARG A 29 -4.78 -9.84 16.27
N ILE A 30 -5.43 -8.75 15.90
CA ILE A 30 -6.85 -8.71 15.98
C ILE A 30 -7.31 -7.91 14.79
N GLU A 31 -8.53 -8.12 14.33
CA GLU A 31 -9.14 -7.21 13.40
C GLU A 31 -10.64 -6.88 13.67
N PHE A 32 -11.10 -5.77 13.18
CA PHE A 32 -12.48 -5.40 13.41
C PHE A 32 -12.88 -4.37 12.38
N PRO A 33 -14.18 -4.26 12.08
CA PRO A 33 -14.70 -3.32 11.07
C PRO A 33 -14.37 -1.88 11.37
N THR A 34 -14.00 -1.14 10.33
CA THR A 34 -13.90 0.30 10.43
C THR A 34 -15.29 0.92 10.55
N LYS A 35 -15.50 1.68 11.60
CA LYS A 35 -16.78 2.33 11.86
C LYS A 35 -16.47 3.80 12.02
N MSE A 36 -17.18 4.57 12.85
CA MSE A 36 -16.75 5.94 13.14
C MSE A 36 -15.43 5.92 13.92
O MSE A 36 -15.10 4.98 14.57
CB MSE A 36 -17.80 6.67 13.97
CG MSE A 36 -19.20 7.03 13.26
SE MSE A 36 -18.94 8.17 11.78
CE MSE A 36 -18.87 9.92 12.66
N PRO A 37 -14.70 7.01 13.92
CA PRO A 37 -13.37 7.00 14.52
C PRO A 37 -13.30 6.84 16.03
N ASP A 38 -14.17 7.52 16.77
CA ASP A 38 -14.14 7.46 18.21
C ASP A 38 -14.23 6.02 18.68
N GLU A 39 -15.18 5.29 18.14
CA GLU A 39 -15.40 3.95 18.55
C GLU A 39 -14.43 2.98 17.94
N THR A 40 -13.89 3.29 16.79
CA THR A 40 -12.87 2.46 16.20
C THR A 40 -11.51 2.57 16.95
N ILE A 41 -11.08 3.79 17.27
CA ILE A 41 -9.87 3.98 18.05
C ILE A 41 -10.01 3.43 19.47
N GLU A 42 -11.19 3.57 20.05
CA GLU A 42 -11.44 3.00 21.33
C GLU A 42 -11.21 1.49 21.29
N LYS A 43 -11.67 0.78 20.27
CA LYS A 43 -11.34 -0.64 20.17
C LYS A 43 -9.84 -0.87 20.07
N VAL A 44 -9.13 0.08 19.45
CA VAL A 44 -7.66 -0.03 19.29
C VAL A 44 -7.01 0.05 20.65
N ILE A 45 -7.36 1.07 21.39
CA ILE A 45 -6.84 1.24 22.72
C ILE A 45 -7.17 0.04 23.63
N GLN A 46 -8.37 -0.46 23.55
CA GLN A 46 -8.76 -1.57 24.37
C GLN A 46 -7.90 -2.77 24.08
N TYR A 47 -7.56 -3.02 22.84
CA TYR A 47 -6.71 -4.18 22.48
C TYR A 47 -5.27 -4.01 23.00
N PHE A 48 -4.69 -2.83 22.77
CA PHE A 48 -3.31 -2.59 23.22
C PHE A 48 -3.19 -2.53 24.74
N SER A 49 -4.27 -2.28 25.46
CA SER A 49 -4.14 -2.10 26.91
C SER A 49 -3.67 -3.39 27.57
N GLN A 50 -3.76 -4.51 26.90
CA GLN A 50 -3.33 -5.79 27.47
C GLN A 50 -1.81 -6.00 27.44
N PHE A 51 -1.10 -5.16 26.71
CA PHE A 51 0.28 -5.45 26.40
C PHE A 51 1.12 -4.34 26.96
N SER A 52 2.41 -4.57 27.21
CA SER A 52 3.27 -3.45 27.59
C SER A 52 4.04 -3.11 26.37
N LEU A 53 3.68 -2.01 25.74
CA LEU A 53 4.26 -1.67 24.47
C LEU A 53 5.17 -0.52 24.70
N GLN A 54 6.25 -0.50 23.92
CA GLN A 54 7.23 0.55 23.90
C GLN A 54 6.92 1.59 22.81
N ALA A 55 6.22 1.21 21.75
CA ALA A 55 5.95 2.13 20.61
C ALA A 55 4.85 1.56 19.73
N ILE A 56 4.25 2.40 18.91
CA ILE A 56 3.20 1.99 17.99
C ILE A 56 3.50 2.62 16.62
N GLY A 57 3.06 1.96 15.57
CA GLY A 57 3.11 2.52 14.23
C GLY A 57 1.74 2.42 13.55
N ILE A 58 1.32 3.46 12.84
CA ILE A 58 0.06 3.51 12.08
C ILE A 58 0.38 3.63 10.59
N GLY A 59 -0.15 2.69 9.80
CA GLY A 59 -0.12 2.71 8.35
C GLY A 59 -1.60 2.89 8.06
N SER A 60 -1.96 4.03 7.49
CA SER A 60 -3.34 4.39 7.24
C SER A 60 -3.64 4.48 5.76
N PHE A 61 -4.86 4.15 5.34
CA PHE A 61 -5.32 4.58 4.01
C PHE A 61 -5.29 6.13 3.96
N GLY A 62 -5.04 6.68 2.78
CA GLY A 62 -4.87 8.14 2.62
C GLY A 62 -5.77 8.67 1.53
N PRO A 63 -5.51 9.87 1.07
CA PRO A 63 -4.43 10.72 1.42
C PRO A 63 -4.37 11.07 2.87
N VAL A 64 -3.13 11.22 3.36
CA VAL A 64 -2.86 11.65 4.72
C VAL A 64 -1.85 12.78 4.70
N ASP A 65 -1.78 13.48 5.81
CA ASP A 65 -0.81 14.56 6.01
C ASP A 65 0.37 13.88 6.67
N ASN A 66 1.41 13.62 5.90
CA ASN A 66 2.57 12.93 6.41
C ASN A 66 3.78 13.81 6.45
N ASP A 67 3.54 15.09 6.61
CA ASP A 67 4.58 16.09 6.88
C ASP A 67 4.64 16.34 8.39
N LYS A 68 5.69 15.81 9.01
CA LYS A 68 5.95 15.89 10.43
C LYS A 68 5.87 17.31 10.95
N THR A 69 6.12 18.30 10.10
CA THR A 69 6.15 19.70 10.51
C THR A 69 4.81 20.40 10.32
N SER A 70 3.75 19.65 9.98
CA SER A 70 2.49 20.28 9.59
C SER A 70 1.56 20.22 10.76
N GLN A 71 0.74 21.23 10.93
CA GLN A 71 -0.26 21.22 12.01
C GLN A 71 -1.30 20.07 11.94
N THR A 72 -1.63 19.57 10.74
CA THR A 72 -2.54 18.49 10.57
C THR A 72 -1.84 17.13 10.31
N TYR A 73 -0.55 17.05 10.70
CA TYR A 73 0.23 15.86 10.67
C TYR A 73 -0.49 14.70 11.31
N GLY A 74 -0.56 13.57 10.64
CA GLY A 74 -1.21 12.39 11.24
C GLY A 74 -2.75 12.38 11.16
N THR A 75 -3.31 13.05 10.14
CA THR A 75 -4.69 13.01 9.88
C THR A 75 -4.85 12.55 8.47
N ILE A 76 -6.01 11.97 8.19
CA ILE A 76 -6.44 11.65 6.84
C ILE A 76 -7.04 12.92 6.26
N THR A 77 -6.53 13.38 5.11
CA THR A 77 -6.86 14.73 4.57
C THR A 77 -8.00 14.68 3.57
N ALA A 78 -8.26 13.52 2.98
CA ALA A 78 -9.38 13.35 2.07
C ALA A 78 -9.91 11.90 2.13
N THR A 79 -11.22 11.77 2.33
CA THR A 79 -11.93 10.52 2.28
C THR A 79 -13.44 10.78 2.32
N PRO A 80 -14.22 9.97 1.57
CA PRO A 80 -15.68 9.99 1.64
C PRO A 80 -16.21 9.22 2.84
N LYS A 81 -15.36 8.55 3.62
CA LYS A 81 -15.81 7.72 4.76
C LYS A 81 -16.17 8.64 5.95
N ALA A 82 -17.37 8.50 6.46
CA ALA A 82 -17.95 9.39 7.48
C ALA A 82 -17.00 9.50 8.68
N GLY A 83 -16.69 10.73 9.07
CA GLY A 83 -15.94 11.02 10.25
C GLY A 83 -14.44 11.02 10.17
N TRP A 84 -13.83 10.40 9.17
CA TRP A 84 -12.34 10.24 9.15
C TRP A 84 -11.54 11.43 8.68
N ARG A 85 -12.05 12.21 7.76
CA ARG A 85 -11.36 13.39 7.36
C ARG A 85 -11.10 14.35 8.47
N HIS A 86 -9.84 14.65 8.70
CA HIS A 86 -9.40 15.61 9.66
C HIS A 86 -9.51 15.15 11.12
N TYR A 87 -9.94 13.92 11.35
CA TYR A 87 -9.96 13.34 12.66
C TYR A 87 -8.52 13.26 13.14
N PRO A 88 -8.24 13.63 14.40
CA PRO A 88 -6.88 13.65 14.95
C PRO A 88 -6.41 12.23 15.38
N PHE A 89 -6.13 11.42 14.38
CA PHE A 89 -5.94 10.03 14.48
C PHE A 89 -4.62 9.79 15.25
N LEU A 90 -3.50 10.27 14.69
CA LEU A 90 -2.18 10.12 15.32
C LEU A 90 -2.17 10.69 16.72
N GLN A 91 -2.69 11.91 16.89
CA GLN A 91 -2.68 12.58 18.18
C GLN A 91 -3.55 11.88 19.23
N THR A 92 -4.75 11.44 18.87
CA THR A 92 -5.57 10.63 19.79
C THR A 92 -4.86 9.32 20.21
N VAL A 93 -4.14 8.68 19.34
CA VAL A 93 -3.40 7.49 19.77
C VAL A 93 -2.19 7.88 20.66
N LYS A 94 -1.48 8.95 20.30
CA LYS A 94 -0.36 9.38 21.14
C LYS A 94 -0.89 9.75 22.51
N ASN A 95 -2.02 10.47 22.58
CA ASN A 95 -2.54 10.94 23.87
C ASN A 95 -2.94 9.78 24.80
N GLU A 96 -3.50 8.72 24.23
CA GLU A 96 -4.03 7.65 25.03
C GLU A 96 -3.01 6.66 25.44
N MSE A 97 -2.00 6.39 24.62
CA MSE A 97 -1.01 5.33 24.87
C MSE A 97 0.24 5.91 25.54
O MSE A 97 0.92 5.20 26.25
CB MSE A 97 -0.54 4.64 23.55
CG MSE A 97 -1.60 3.88 22.72
SE MSE A 97 -2.61 2.70 23.77
CE MSE A 97 -1.22 1.56 24.31
N LYS A 98 0.57 7.18 25.26
CA LYS A 98 1.69 7.90 25.91
C LYS A 98 3.02 7.26 25.63
N ILE A 99 3.17 6.78 24.41
CA ILE A 99 4.41 6.26 23.94
C ILE A 99 4.59 6.78 22.49
N PRO A 100 5.83 6.75 21.98
CA PRO A 100 6.00 7.16 20.58
C PRO A 100 5.10 6.40 19.62
N VAL A 101 4.68 7.10 18.57
CA VAL A 101 3.82 6.55 17.54
C VAL A 101 4.32 7.07 16.22
N GLY A 102 4.68 6.16 15.34
CA GLY A 102 5.06 6.48 13.99
C GLY A 102 3.82 6.47 13.12
N PHE A 103 3.91 7.14 11.99
CA PHE A 103 2.75 7.30 11.10
C PHE A 103 3.19 7.31 9.62
N SER A 104 2.42 6.69 8.75
CA SER A 104 2.67 6.71 7.29
C SER A 104 1.45 6.18 6.59
N THR A 105 1.54 6.09 5.27
CA THR A 105 0.48 5.41 4.56
C THR A 105 0.60 3.89 4.73
N ASP A 106 -0.49 3.23 4.43
CA ASP A 106 -0.52 1.82 4.43
C ASP A 106 0.44 1.20 3.46
N VAL A 107 0.55 1.74 2.26
CA VAL A 107 1.50 1.20 1.27
C VAL A 107 2.93 1.57 1.58
N ASN A 108 3.19 2.73 2.20
CA ASN A 108 4.53 2.99 2.74
C ASN A 108 4.84 1.91 3.76
N ALA A 109 3.92 1.62 4.69
CA ALA A 109 4.14 0.52 5.61
C ALA A 109 4.50 -0.78 4.88
N ALA A 110 3.72 -1.17 3.86
CA ALA A 110 4.06 -2.42 3.14
C ALA A 110 5.45 -2.35 2.56
N ALA A 111 5.83 -1.18 2.06
CA ALA A 111 7.14 -1.02 1.40
C ALA A 111 8.22 -1.25 2.44
N LEU A 112 8.10 -0.65 3.62
CA LEU A 112 9.12 -0.89 4.65
C LEU A 112 9.18 -2.35 5.01
N GLY A 113 8.06 -3.05 4.99
CA GLY A 113 8.10 -4.46 5.39
C GLY A 113 8.93 -5.27 4.43
N GLU A 114 8.72 -5.01 3.14
CA GLU A 114 9.34 -5.80 2.11
C GLU A 114 10.79 -5.34 1.97
N PHE A 115 11.04 -4.07 2.31
CA PHE A 115 12.39 -3.53 2.28
C PHE A 115 13.26 -4.14 3.37
N LEU A 116 12.76 -4.30 4.60
CA LEU A 116 13.59 -4.87 5.66
C LEU A 116 13.59 -6.36 5.73
N PHE A 117 12.48 -6.99 5.40
CA PHE A 117 12.30 -8.43 5.55
C PHE A 117 11.87 -9.21 4.32
N GLY A 118 11.64 -8.58 3.18
CA GLY A 118 11.02 -9.25 2.05
C GLY A 118 11.91 -9.19 0.83
N GLU A 119 11.26 -9.01 -0.31
CA GLU A 119 11.93 -9.08 -1.60
C GLU A 119 12.97 -8.00 -1.88
N ALA A 120 12.92 -6.88 -1.13
CA ALA A 120 13.87 -5.79 -1.35
C ALA A 120 14.96 -5.74 -0.29
N LYS A 121 14.99 -6.71 0.61
CA LYS A 121 16.03 -6.82 1.63
C LYS A 121 17.39 -6.84 0.92
N GLY A 122 18.32 -6.05 1.41
CA GLY A 122 19.60 -5.87 0.72
C GLY A 122 19.68 -4.82 -0.40
N LEU A 123 18.56 -4.26 -0.89
CA LEU A 123 18.58 -3.22 -1.91
C LEU A 123 18.48 -1.90 -1.20
N ASP A 124 18.59 -0.80 -1.93
CA ASP A 124 18.40 0.48 -1.31
C ASP A 124 17.18 1.20 -1.84
N SER A 125 16.51 0.56 -2.76
CA SER A 125 15.35 1.13 -3.39
C SER A 125 14.32 0.04 -3.63
N CYS A 126 13.05 0.37 -3.47
CA CYS A 126 12.00 -0.46 -3.98
C CYS A 126 10.70 0.31 -4.13
N LEU A 127 9.72 -0.34 -4.76
CA LEU A 127 8.37 0.23 -4.91
C LEU A 127 7.35 -0.88 -4.55
N TYR A 128 6.46 -0.63 -3.57
CA TYR A 128 5.36 -1.54 -3.25
C TYR A 128 4.06 -0.96 -3.76
N ILE A 129 3.37 -1.73 -4.58
CA ILE A 129 2.08 -1.30 -5.13
C ILE A 129 0.99 -2.24 -4.60
N THR A 130 -0.08 -1.68 -4.03
CA THR A 130 -1.22 -2.53 -3.73
C THR A 130 -2.33 -2.26 -4.73
N ILE A 131 -2.91 -3.36 -5.20
CA ILE A 131 -4.08 -3.34 -6.04
C ILE A 131 -5.26 -4.09 -5.35
N GLY A 132 -6.16 -3.32 -4.73
CA GLY A 132 -7.35 -3.85 -4.14
C GLY A 132 -8.53 -2.94 -4.30
N THR A 133 -9.11 -2.54 -3.19
CA THR A 133 -10.24 -1.60 -3.20
C THR A 133 -9.78 -0.30 -3.83
N GLY A 134 -8.54 0.05 -3.50
CA GLY A 134 -7.86 1.15 -4.20
C GLY A 134 -6.54 0.68 -4.79
N ILE A 135 -5.91 1.57 -5.57
CA ILE A 135 -4.55 1.41 -5.91
C ILE A 135 -3.71 2.46 -5.24
N GLY A 136 -2.61 2.04 -4.67
CA GLY A 136 -1.62 2.96 -4.05
C GLY A 136 -0.23 2.38 -4.06
N ALA A 137 0.78 3.22 -3.83
CA ALA A 137 2.14 2.72 -3.86
C ALA A 137 2.99 3.54 -2.92
N GLY A 138 4.00 2.87 -2.40
CA GLY A 138 5.00 3.50 -1.55
C GLY A 138 6.40 3.15 -2.07
N ALA A 139 7.29 4.12 -1.98
CA ALA A 139 8.62 3.97 -2.54
C ALA A 139 9.64 4.27 -1.50
N ILE A 140 10.73 3.51 -1.58
CA ILE A 140 11.94 3.72 -0.80
C ILE A 140 13.06 4.17 -1.77
N VAL A 141 13.65 5.36 -1.53
CA VAL A 141 14.81 5.84 -2.25
C VAL A 141 15.97 6.07 -1.33
N GLU A 142 17.11 5.48 -1.64
CA GLU A 142 18.25 5.51 -0.74
C GLU A 142 17.91 5.10 0.70
N GLY A 143 17.12 4.06 0.86
CA GLY A 143 16.84 3.55 2.19
C GLY A 143 15.83 4.35 2.99
N ARG A 144 15.04 5.21 2.36
CA ARG A 144 14.15 6.12 3.08
C ARG A 144 12.90 6.34 2.24
N LEU A 145 11.75 6.31 2.90
CA LEU A 145 10.46 6.50 2.23
C LEU A 145 10.46 7.80 1.47
N LEU A 146 9.93 7.74 0.25
CA LEU A 146 9.74 8.90 -0.58
C LEU A 146 8.61 9.77 -0.05
N GLN A 147 8.94 10.97 0.43
CA GLN A 147 7.96 11.96 0.91
C GLN A 147 8.33 13.32 0.38
N GLY A 148 7.63 13.79 -0.65
CA GLY A 148 7.87 15.13 -1.20
C GLY A 148 6.93 16.16 -0.60
N LEU A 149 6.26 16.85 -1.47
CA LEU A 149 5.21 17.80 -1.10
C LEU A 149 4.08 17.04 -0.40
N SER A 150 3.83 15.84 -0.92
CA SER A 150 2.91 14.88 -0.36
C SER A 150 3.60 13.52 -0.45
N HIS A 151 3.04 12.53 0.22
CA HIS A 151 3.39 11.17 -0.15
C HIS A 151 2.82 11.00 -1.55
N PRO A 152 3.23 9.96 -2.26
CA PRO A 152 2.77 9.67 -3.59
C PRO A 152 1.35 9.21 -3.62
N GLU A 153 0.68 9.37 -4.76
CA GLU A 153 -0.66 8.89 -4.95
C GLU A 153 -0.68 8.30 -6.35
N MSE A 154 0.15 7.29 -6.53
CA MSE A 154 0.49 6.74 -7.80
C MSE A 154 -0.65 6.02 -8.48
O MSE A 154 -0.56 5.65 -9.64
CB MSE A 154 1.65 5.76 -7.61
CG MSE A 154 2.90 6.42 -7.11
SE MSE A 154 4.47 5.43 -7.48
CE MSE A 154 5.51 6.11 -6.12
N GLY A 155 -1.71 5.76 -7.75
CA GLY A 155 -2.85 5.06 -8.29
C GLY A 155 -3.79 5.93 -9.11
N HIS A 156 -3.59 7.24 -9.10
CA HIS A 156 -4.45 8.17 -9.82
C HIS A 156 -3.84 8.77 -11.05
N ILE A 157 -2.77 8.17 -11.52
CA ILE A 157 -2.21 8.57 -12.83
C ILE A 157 -3.14 8.11 -14.00
N TYR A 158 -3.15 8.90 -15.05
CA TYR A 158 -4.00 8.66 -16.20
C TYR A 158 -3.27 7.82 -17.25
N ILE A 159 -3.27 6.52 -17.10
CA ILE A 159 -2.77 5.62 -18.14
C ILE A 159 -3.68 5.64 -19.35
N ARG A 160 -3.21 5.05 -20.43
CA ARG A 160 -4.00 5.00 -21.62
C ARG A 160 -5.04 3.89 -21.60
N ARG A 161 -6.22 4.20 -22.07
CA ARG A 161 -7.29 3.21 -22.16
C ARG A 161 -6.95 2.15 -23.15
N HIS A 162 -7.62 1.00 -23.02
CA HIS A 162 -7.55 -0.02 -24.06
C HIS A 162 -8.66 0.34 -25.03
N PRO A 163 -8.36 0.31 -26.35
CA PRO A 163 -9.39 0.72 -27.33
C PRO A 163 -10.67 -0.11 -27.34
N ASP A 164 -10.64 -1.35 -26.84
CA ASP A 164 -11.84 -2.21 -26.68
C ASP A 164 -12.61 -2.13 -25.34
N ASP A 165 -12.23 -1.22 -24.46
CA ASP A 165 -12.77 -1.18 -23.11
C ASP A 165 -13.66 0.01 -23.11
N VAL A 166 -14.88 -0.18 -22.68
CA VAL A 166 -15.83 0.88 -22.78
C VAL A 166 -16.24 1.33 -21.38
N TYR A 167 -15.60 0.78 -20.36
CA TYR A 167 -15.95 1.13 -18.99
C TYR A 167 -15.48 2.55 -18.62
N GLN A 168 -16.36 3.36 -18.03
CA GLN A 168 -16.07 4.80 -17.82
C GLN A 168 -15.10 5.09 -16.64
N GLY A 169 -15.00 4.12 -15.72
CA GLY A 169 -14.05 4.17 -14.63
C GLY A 169 -14.68 4.44 -13.28
N LYS A 170 -14.06 3.89 -12.24
CA LYS A 170 -14.67 3.92 -10.94
C LYS A 170 -14.27 5.16 -10.09
N CYS A 171 -13.24 5.92 -10.50
CA CYS A 171 -12.68 6.85 -9.52
C CYS A 171 -13.55 8.07 -9.47
N PRO A 172 -14.03 8.43 -8.28
CA PRO A 172 -14.91 9.61 -8.27
C PRO A 172 -14.22 10.94 -8.58
N TYR A 173 -12.90 11.02 -8.48
CA TYR A 173 -12.19 12.25 -8.84
C TYR A 173 -11.83 12.30 -10.34
N HIS A 174 -11.40 11.20 -10.91
CA HIS A 174 -10.77 11.25 -12.24
C HIS A 174 -11.50 10.44 -13.29
N GLY A 175 -12.45 9.63 -12.83
CA GLY A 175 -13.06 8.55 -13.63
C GLY A 175 -12.11 7.40 -14.00
N ASP A 176 -11.35 7.61 -15.05
CA ASP A 176 -10.56 6.55 -15.63
C ASP A 176 -9.02 6.74 -15.45
N CYS A 177 -8.62 7.13 -14.27
CA CYS A 177 -7.29 6.98 -13.88
C CYS A 177 -7.00 5.48 -13.66
N PHE A 178 -5.79 5.15 -13.30
CA PHE A 178 -5.36 3.77 -13.12
C PHE A 178 -6.26 3.01 -12.13
N GLU A 179 -6.46 3.59 -10.95
CA GLU A 179 -7.33 2.98 -9.94
C GLU A 179 -8.76 2.86 -10.47
N GLY A 180 -9.17 3.91 -11.18
CA GLY A 180 -10.45 3.93 -11.83
C GLY A 180 -10.68 2.84 -12.85
N LEU A 181 -9.60 2.40 -13.50
CA LEU A 181 -9.66 1.37 -14.53
C LEU A 181 -9.36 -0.03 -14.03
N ALA A 182 -8.62 -0.15 -12.93
CA ALA A 182 -7.92 -1.39 -12.62
C ALA A 182 -8.01 -1.84 -11.16
N SER A 183 -8.79 -1.16 -10.32
CA SER A 183 -8.97 -1.63 -8.97
C SER A 183 -9.90 -2.80 -8.97
N GLY A 184 -9.96 -3.48 -7.83
CA GLY A 184 -10.90 -4.57 -7.68
C GLY A 184 -12.32 -4.17 -8.01
N PRO A 185 -12.76 -3.06 -7.42
CA PRO A 185 -14.14 -2.61 -7.74
C PRO A 185 -14.33 -2.17 -9.19
N ALA A 186 -13.28 -1.77 -9.88
CA ALA A 186 -13.41 -1.44 -11.29
C ALA A 186 -13.56 -2.70 -12.10
N ILE A 187 -12.99 -3.79 -11.62
CA ILE A 187 -13.06 -5.01 -12.36
C ILE A 187 -14.51 -5.50 -12.21
N GLU A 188 -15.11 -5.30 -11.05
CA GLU A 188 -16.50 -5.76 -10.85
C GLU A 188 -17.51 -4.90 -11.56
N ALA A 189 -17.46 -3.59 -11.38
CA ALA A 189 -18.34 -2.68 -12.09
C ALA A 189 -18.26 -2.91 -13.60
N ARG A 190 -17.07 -3.23 -14.10
CA ARG A 190 -16.88 -3.45 -15.54
C ARG A 190 -17.50 -4.77 -16.02
N TRP A 191 -17.21 -5.86 -15.31
CA TRP A 191 -17.55 -7.20 -15.77
C TRP A 191 -18.87 -7.81 -15.17
N GLY A 192 -19.40 -7.16 -14.14
CA GLY A 192 -20.68 -7.52 -13.55
C GLY A 192 -20.63 -8.62 -12.50
N LYS A 193 -19.44 -9.16 -12.21
CA LYS A 193 -19.28 -10.15 -11.13
C LYS A 193 -18.12 -9.78 -10.23
N LYS A 194 -17.97 -10.47 -9.11
CA LYS A 194 -16.85 -10.23 -8.20
C LYS A 194 -15.57 -10.79 -8.81
N ALA A 195 -14.47 -10.07 -8.55
CA ALA A 195 -13.12 -10.42 -9.02
C ALA A 195 -12.73 -11.89 -8.77
N ALA A 196 -12.78 -12.35 -7.53
CA ALA A 196 -12.47 -13.77 -7.25
C ALA A 196 -13.25 -14.79 -8.12
N ASP A 197 -14.40 -14.37 -8.65
CA ASP A 197 -15.26 -15.20 -9.52
C ASP A 197 -15.00 -15.07 -11.02
N LEU A 198 -14.09 -14.18 -11.41
CA LEU A 198 -13.76 -14.00 -12.85
C LEU A 198 -12.51 -14.78 -13.20
N SER A 199 -12.09 -15.56 -12.21
CA SER A 199 -10.90 -16.37 -12.21
C SER A 199 -10.56 -16.96 -13.57
N ASP A 200 -11.57 -17.47 -14.28
CA ASP A 200 -11.32 -18.25 -15.49
C ASP A 200 -11.60 -17.56 -16.83
N ILE A 201 -11.97 -16.29 -16.75
CA ILE A 201 -12.19 -15.50 -17.95
C ILE A 201 -10.91 -14.74 -18.26
N ALA A 202 -10.10 -15.34 -19.14
CA ALA A 202 -8.75 -14.86 -19.44
C ALA A 202 -8.74 -13.37 -19.78
N GLN A 203 -9.80 -12.91 -20.46
CA GLN A 203 -9.88 -11.55 -21.00
C GLN A 203 -9.77 -10.49 -19.89
N VAL A 204 -10.38 -10.75 -18.74
CA VAL A 204 -10.33 -9.85 -17.58
C VAL A 204 -8.91 -9.61 -17.10
N TRP A 205 -8.09 -10.66 -17.16
CA TRP A 205 -6.76 -10.60 -16.64
C TRP A 205 -5.74 -10.10 -17.69
N GLU A 206 -6.01 -10.29 -18.98
CA GLU A 206 -5.20 -9.59 -19.97
C GLU A 206 -5.41 -8.10 -19.81
N LEU A 207 -6.64 -7.67 -19.65
CA LEU A 207 -6.96 -6.26 -19.50
C LEU A 207 -6.33 -5.69 -18.22
N GLU A 208 -6.54 -6.36 -17.11
CA GLU A 208 -5.94 -5.93 -15.87
C GLU A 208 -4.41 -5.82 -16.02
N GLY A 209 -3.78 -6.80 -16.64
CA GLY A 209 -2.32 -6.83 -16.77
C GLY A 209 -1.81 -5.76 -17.71
N TYR A 210 -2.59 -5.49 -18.75
CA TYR A 210 -2.28 -4.42 -19.67
C TYR A 210 -2.27 -3.12 -18.90
N TYR A 211 -3.25 -2.91 -18.04
CA TYR A 211 -3.29 -1.65 -17.30
C TYR A 211 -2.17 -1.52 -16.27
N ILE A 212 -1.91 -2.56 -15.50
CA ILE A 212 -0.79 -2.51 -14.55
C ILE A 212 0.52 -2.24 -15.30
N ALA A 213 0.73 -2.93 -16.40
CA ALA A 213 1.94 -2.80 -17.21
C ALA A 213 2.17 -1.36 -17.63
N GLN A 214 1.10 -0.69 -18.07
CA GLN A 214 1.23 0.73 -18.45
C GLN A 214 1.63 1.58 -17.30
N ALA A 215 1.05 1.32 -16.13
CA ALA A 215 1.37 2.04 -14.97
C ALA A 215 2.84 1.78 -14.61
N LEU A 216 3.25 0.52 -14.65
CA LEU A 216 4.63 0.22 -14.25
C LEU A 216 5.64 0.90 -15.18
N ALA A 217 5.37 0.93 -16.48
CA ALA A 217 6.24 1.63 -17.47
C ALA A 217 6.48 3.04 -17.00
N GLN A 218 5.44 3.73 -16.60
CA GLN A 218 5.61 5.11 -16.13
C GLN A 218 6.46 5.18 -14.86
N TYR A 219 6.21 4.28 -13.91
CA TYR A 219 6.96 4.32 -12.64
C TYR A 219 8.43 4.00 -12.87
N ILE A 220 8.70 3.08 -13.80
CA ILE A 220 10.06 2.73 -14.15
C ILE A 220 10.76 3.89 -14.79
N LEU A 221 10.09 4.57 -15.73
CA LEU A 221 10.68 5.72 -16.38
C LEU A 221 10.91 6.89 -15.43
N ILE A 222 10.09 7.02 -14.37
CA ILE A 222 10.11 8.21 -13.51
C ILE A 222 10.97 7.98 -12.26
N LEU A 223 10.73 6.86 -11.55
CA LEU A 223 11.55 6.48 -10.37
C LEU A 223 12.63 5.46 -10.65
N ALA A 224 12.40 4.53 -11.56
CA ALA A 224 13.34 3.45 -11.83
C ALA A 224 13.69 2.66 -10.53
N PRO A 225 12.71 2.09 -9.88
CA PRO A 225 13.01 1.33 -8.64
C PRO A 225 13.77 0.03 -8.94
N MLY A 226 14.62 -0.39 -8.02
CA MLY A 226 15.42 -1.62 -8.17
CB MLY A 226 16.58 -1.57 -7.19
CG MLY A 226 17.55 -0.48 -7.52
CD MLY A 226 18.88 -0.39 -6.78
CE MLY A 226 19.40 1.04 -7.01
NZ MLY A 226 20.76 1.32 -6.56
CH1 MLY A 226 21.75 0.29 -6.41
CH2 MLY A 226 21.16 2.72 -6.28
C MLY A 226 14.65 -2.91 -7.97
O MLY A 226 15.16 -3.98 -8.24
N MLY A 227 13.40 -2.80 -7.52
CA MLY A 227 12.44 -3.94 -7.35
CB MLY A 227 12.84 -4.71 -6.13
CG MLY A 227 12.07 -5.99 -5.81
CD MLY A 227 12.57 -7.25 -6.54
CE MLY A 227 13.99 -7.57 -6.13
NZ MLY A 227 14.44 -8.92 -6.53
CH1 MLY A 227 13.50 -10.04 -6.45
CH2 MLY A 227 15.88 -9.08 -6.83
C MLY A 227 11.04 -3.36 -7.24
O MLY A 227 10.83 -2.31 -6.64
N ILE A 228 10.07 -4.05 -7.85
CA ILE A 228 8.67 -3.67 -7.77
C ILE A 228 7.86 -4.86 -7.21
N ILE A 229 7.16 -4.64 -6.08
CA ILE A 229 6.42 -5.66 -5.40
C ILE A 229 4.95 -5.29 -5.54
N LEU A 230 4.16 -6.24 -6.05
CA LEU A 230 2.71 -6.09 -6.26
C LEU A 230 1.89 -6.96 -5.33
N GLY A 231 1.07 -6.31 -4.53
CA GLY A 231 0.23 -6.96 -3.54
C GLY A 231 -1.21 -6.52 -3.68
N GLY A 232 -1.99 -6.91 -2.68
CA GLY A 232 -3.44 -6.62 -2.65
C GLY A 232 -4.31 -7.73 -3.21
N GLY A 233 -5.61 -7.56 -3.00
CA GLY A 233 -6.56 -8.58 -3.31
C GLY A 233 -6.55 -9.00 -4.74
N VAL A 234 -6.40 -8.06 -5.65
CA VAL A 234 -6.52 -8.39 -7.07
C VAL A 234 -5.33 -9.26 -7.43
N MSE A 235 -4.18 -9.01 -6.82
CA MSE A 235 -2.97 -9.71 -7.19
C MSE A 235 -2.91 -11.13 -6.64
O MSE A 235 -1.96 -11.84 -6.88
CB MSE A 235 -1.73 -8.93 -6.80
CG MSE A 235 -1.63 -7.57 -7.50
SE MSE A 235 -1.72 -7.76 -9.38
CE MSE A 235 -0.22 -9.01 -9.61
N GLN A 236 -3.93 -11.55 -5.93
CA GLN A 236 -4.07 -12.99 -5.67
C GLN A 236 -4.34 -13.80 -6.96
N GLN A 237 -4.87 -13.18 -8.01
CA GLN A 237 -4.91 -13.84 -9.32
C GLN A 237 -3.50 -13.78 -9.89
N LYS A 238 -2.70 -14.77 -9.56
CA LYS A 238 -1.29 -14.79 -9.93
C LYS A 238 -1.08 -14.82 -11.48
N GLN A 239 -2.14 -15.09 -12.25
CA GLN A 239 -2.09 -15.05 -13.75
C GLN A 239 -1.77 -13.68 -14.26
N VAL A 240 -2.18 -12.65 -13.51
CA VAL A 240 -1.91 -11.25 -13.91
C VAL A 240 -0.43 -11.01 -14.09
N PHE A 241 0.43 -11.69 -13.32
CA PHE A 241 1.87 -11.48 -13.44
C PHE A 241 2.31 -11.84 -14.84
N SER A 242 1.83 -12.97 -15.38
CA SER A 242 2.36 -13.39 -16.68
C SER A 242 2.02 -12.34 -17.74
N TYR A 243 0.86 -11.70 -17.65
CA TYR A 243 0.53 -10.68 -18.63
C TYR A 243 1.40 -9.42 -18.44
N ILE A 244 1.60 -8.98 -17.21
CA ILE A 244 2.49 -7.88 -16.95
C ILE A 244 3.87 -8.14 -17.57
N TYR A 245 4.45 -9.31 -17.32
CA TYR A 245 5.75 -9.68 -17.91
C TYR A 245 5.83 -9.58 -19.45
N GLN A 246 4.75 -9.91 -20.13
CA GLN A 246 4.65 -9.76 -21.57
C GLN A 246 4.50 -8.29 -22.01
N TYR A 247 3.74 -7.50 -21.29
CA TYR A 247 3.44 -6.16 -21.74
C TYR A 247 4.47 -5.05 -21.42
N VAL A 248 5.11 -5.12 -20.25
CA VAL A 248 6.10 -4.08 -19.89
C VAL A 248 7.16 -3.92 -20.98
N PRO A 249 7.76 -5.01 -21.43
CA PRO A 249 8.80 -4.84 -22.44
C PRO A 249 8.32 -4.31 -23.76
N LYS A 250 7.08 -4.64 -24.16
CA LYS A 250 6.49 -4.17 -25.40
C LYS A 250 6.27 -2.65 -25.28
N ILE A 251 5.82 -2.19 -24.12
CA ILE A 251 5.58 -0.77 -23.89
C ILE A 251 6.89 0.05 -23.90
N MSE A 252 7.93 -0.47 -23.24
CA MSE A 252 9.22 0.24 -23.10
C MSE A 252 10.01 0.21 -24.40
O MSE A 252 10.80 1.09 -24.67
CB MSE A 252 10.09 -0.43 -22.05
CG MSE A 252 9.43 -0.72 -20.71
SE MSE A 252 10.03 0.40 -19.40
CE MSE A 252 9.10 1.70 -20.20
N ASN A 253 9.75 -0.85 -25.16
CA ASN A 253 10.31 -1.11 -26.50
C ASN A 253 11.82 -0.99 -26.59
N SER A 254 12.48 -1.59 -25.64
CA SER A 254 13.92 -1.66 -25.54
C SER A 254 14.63 -0.33 -25.28
N TYR A 255 13.94 0.68 -24.77
CA TYR A 255 14.54 1.97 -24.58
C TYR A 255 15.60 1.93 -23.44
N LEU A 256 15.32 1.17 -22.37
CA LEU A 256 16.29 1.05 -21.28
C LEU A 256 16.80 -0.38 -21.14
N ASP A 257 18.07 -0.59 -21.39
CA ASP A 257 18.66 -1.92 -21.49
C ASP A 257 19.13 -2.43 -20.10
N PHE A 258 18.21 -3.03 -19.37
CA PHE A 258 18.52 -3.64 -18.11
C PHE A 258 17.83 -4.98 -18.12
N SER A 259 18.47 -5.98 -17.56
CA SER A 259 17.89 -7.31 -17.57
C SER A 259 16.61 -7.37 -16.72
N GLU A 260 16.50 -6.47 -15.74
CA GLU A 260 15.32 -6.36 -14.94
C GLU A 260 14.13 -6.08 -15.78
N LEU A 261 14.32 -5.41 -16.91
CA LEU A 261 13.19 -5.01 -17.74
C LEU A 261 12.95 -5.93 -18.89
N SER A 262 13.74 -7.00 -19.03
CA SER A 262 13.55 -7.95 -20.14
C SER A 262 13.64 -9.42 -19.68
N ASP A 263 14.81 -10.02 -19.71
CA ASP A 263 14.95 -11.46 -19.49
C ASP A 263 14.66 -11.84 -18.09
N ASP A 264 15.06 -10.99 -17.13
CA ASP A 264 14.89 -11.29 -15.71
C ASP A 264 13.71 -10.52 -15.11
N ILE A 265 12.74 -10.14 -15.93
CA ILE A 265 11.62 -9.33 -15.47
C ILE A 265 10.82 -10.08 -14.42
N SER A 266 10.81 -11.41 -14.46
CA SER A 266 10.10 -12.18 -13.49
C SER A 266 10.73 -12.13 -12.12
N ASP A 267 11.92 -11.60 -11.98
CA ASP A 267 12.49 -11.35 -10.68
C ASP A 267 12.55 -9.88 -10.28
N TYR A 268 11.97 -9.03 -11.09
CA TYR A 268 11.98 -7.57 -10.88
C TYR A 268 10.64 -7.16 -10.34
N ILE A 269 9.58 -7.65 -10.97
CA ILE A 269 8.19 -7.39 -10.56
C ILE A 269 7.64 -8.71 -9.98
N VAL A 270 7.41 -8.73 -8.68
CA VAL A 270 7.22 -9.95 -7.92
C VAL A 270 6.13 -9.76 -6.89
N PRO A 271 5.53 -10.87 -6.44
CA PRO A 271 4.62 -10.74 -5.27
C PRO A 271 5.42 -10.56 -3.98
N PRO A 272 4.80 -10.06 -2.92
CA PRO A 272 5.56 -9.82 -1.69
C PRO A 272 5.92 -11.09 -0.98
N ARG A 273 7.13 -11.14 -0.43
CA ARG A 273 7.60 -12.31 0.28
C ARG A 273 6.78 -12.53 1.52
N LEU A 274 6.39 -11.43 2.16
CA LEU A 274 5.56 -11.44 3.34
C LEU A 274 4.07 -11.66 3.04
N GLY A 275 3.74 -12.01 1.80
CA GLY A 275 2.37 -12.34 1.47
C GLY A 275 1.44 -11.21 1.83
N SER A 276 0.32 -11.47 2.49
CA SER A 276 -0.57 -10.33 2.76
C SER A 276 -0.25 -9.58 4.07
N ASN A 277 0.90 -9.84 4.66
CA ASN A 277 1.26 -9.22 5.92
C ASN A 277 2.33 -8.15 5.80
N ALA A 278 2.69 -7.77 4.61
CA ALA A 278 3.70 -6.75 4.45
C ALA A 278 3.29 -5.50 5.22
N GLY A 279 2.08 -5.03 5.02
CA GLY A 279 1.68 -3.79 5.66
C GLY A 279 1.70 -3.85 7.18
N ILE A 280 1.19 -4.93 7.78
CA ILE A 280 1.11 -4.95 9.25
C ILE A 280 2.53 -5.07 9.84
N ILE A 281 3.34 -5.93 9.21
CA ILE A 281 4.74 -6.07 9.58
C ILE A 281 5.42 -4.74 9.42
N GLY A 282 5.13 -4.01 8.36
CA GLY A 282 5.77 -2.68 8.20
C GLY A 282 5.36 -1.68 9.26
N THR A 283 4.16 -1.82 9.83
CA THR A 283 3.77 -0.86 10.88
C THR A 283 4.63 -1.11 12.14
N LEU A 284 5.16 -2.32 12.32
CA LEU A 284 6.08 -2.59 13.42
C LEU A 284 7.41 -1.86 13.16
N VAL A 285 7.76 -1.74 11.88
CA VAL A 285 8.94 -1.00 11.56
C VAL A 285 8.73 0.49 11.86
N LEU A 286 7.57 1.01 11.49
CA LEU A 286 7.31 2.42 11.78
C LEU A 286 7.34 2.65 13.29
N ALA A 287 6.86 1.68 14.10
CA ALA A 287 6.91 1.78 15.60
C ALA A 287 8.34 1.87 16.05
N HIS A 288 9.15 0.95 15.56
CA HIS A 288 10.54 0.89 15.90
C HIS A 288 11.27 2.16 15.54
N GLN A 289 11.03 2.69 14.35
CA GLN A 289 11.62 4.02 14.00
C GLN A 289 11.15 5.09 14.94
N ALA A 290 9.85 5.13 15.26
CA ALA A 290 9.39 6.18 16.17
C ALA A 290 10.13 6.08 17.52
N LEU A 291 10.43 4.85 17.95
CA LEU A 291 11.03 4.62 19.26
C LEU A 291 12.49 5.05 19.26
N GLN A 292 13.19 4.79 18.18
CA GLN A 292 14.55 5.26 18.00
C GLN A 292 14.66 6.79 17.91
N ALA A 293 13.72 7.44 17.22
CA ALA A 293 13.70 8.89 17.18
C ALA A 293 13.48 9.46 18.58
N GLU A 294 12.71 8.83 19.43
CA GLU A 294 12.62 9.37 20.79
C GLU A 294 13.88 9.19 21.66
N ALA A 295 14.63 8.11 21.44
CA ALA A 295 15.89 7.91 22.14
C ALA A 295 16.93 8.98 21.69
N ALA A 296 16.91 9.32 20.38
CA ALA A 296 17.80 10.31 19.73
C ALA A 296 17.79 11.73 20.34
C1 FRU B . -6.24 6.26 -2.45
C2 FRU B . -5.77 5.28 -1.41
C3 FRU B . -4.27 5.58 -1.13
C4 FRU B . -3.89 4.18 -0.64
C5 FRU B . -4.65 3.24 -1.63
C6 FRU B . -4.91 1.80 -1.13
O1 FRU B . -6.33 5.60 -3.70
O2 FRU B . -6.52 5.40 -0.14
O3 FRU B . -3.95 6.63 -0.15
O4 FRU B . -2.49 4.02 -0.50
O5 FRU B . -5.91 3.90 -1.90
O6 FRU B . -5.14 1.79 0.31
S SO4 C . -19.45 5.60 5.23
O1 SO4 C . -20.88 5.66 5.62
O2 SO4 C . -19.19 7.00 4.98
O3 SO4 C . -18.56 5.05 6.23
O4 SO4 C . -19.04 4.75 4.13
PB ADP D . -8.74 -3.40 0.79
O1B ADP D . -8.20 -2.72 -0.47
O2B ADP D . -10.27 -3.24 1.00
O3B ADP D . -8.00 -3.08 2.10
PA ADP D . -7.83 -5.84 -0.64
O1A ADP D . -8.19 -7.30 -0.39
O2A ADP D . -6.35 -5.51 -0.73
O3A ADP D . -8.52 -5.00 0.54
O5' ADP D . -8.74 -5.44 -1.92
C5' ADP D . -10.08 -5.92 -2.13
C4' ADP D . -10.52 -5.98 -3.62
O4' ADP D . -9.85 -7.09 -4.24
C3' ADP D . -12.06 -6.16 -3.82
O3' ADP D . -12.66 -5.36 -4.86
C2' ADP D . -12.23 -7.66 -4.13
O2' ADP D . -13.24 -8.00 -5.09
C1' ADP D . -10.83 -8.08 -4.64
N9 ADP D . -10.43 -9.41 -4.10
C8 ADP D . -10.38 -9.84 -2.81
N7 ADP D . -9.89 -11.10 -2.74
C5 ADP D . -9.63 -11.46 -4.02
C6 ADP D . -9.10 -12.65 -4.72
N6 ADP D . -8.76 -13.74 -3.98
N1 ADP D . -8.96 -12.62 -6.08
C2 ADP D . -9.30 -11.53 -6.82
N3 ADP D . -9.81 -10.43 -6.25
C4 ADP D . -9.99 -10.35 -4.91
ZN ZN E . -8.33 8.76 -9.54
#